data_1KNV
#
_entry.id   1KNV
#
_cell.length_a   121.230
_cell.length_b   122.280
_cell.length_c   56.870
_cell.angle_alpha   90.00
_cell.angle_beta   90.00
_cell.angle_gamma   90.00
#
_symmetry.space_group_name_H-M   'P 21 21 2'
#
loop_
_entity.id
_entity.type
_entity.pdbx_description
1 polymer 'Bse634I restriction endonuclease'
2 non-polymer 'ACETATE ION'
3 non-polymer 'CHLORIDE ION'
4 water water
#
_entity_poly.entity_id   1
_entity_poly.type   'polypeptide(L)'
_entity_poly.pdbx_seq_one_letter_code
;MTTNLTNSNCVEEYKENGKTKIRIKPFNALIELYHHQTPTGSIKENLDKLENYVKDVVKAKGLAIPTSGAFSNTRGTWFE
VMIAIQSWNYRVKRELNDYLIIKMPNVKTFDFRKIFDNETREKLHQLEKSLLTHKQQVRLITSNPDLLIIRQKDLIKSEY
NLPINKLTHENIDVALTLFKDIEGKCKWDSLVAGVGLKTSLRPDRRLQLVHEGNILKSLFAHLKMRYWNPKAEFKYYGAS
SEPVSKADDDALQTAATHTIVNVNSTPERAVDDIFSLTSFEDIDKMLDQIIKK
;
_entity_poly.pdbx_strand_id   A,B
#
loop_
_chem_comp.id
_chem_comp.type
_chem_comp.name
_chem_comp.formula
ACT non-polymer 'ACETATE ION' 'C2 H3 O2 -1'
CL non-polymer 'CHLORIDE ION' 'Cl -1'
#
# COMPACT_ATOMS: atom_id res chain seq x y z
N ASN A 4 5.01 -44.28 -1.97
CA ASN A 4 5.72 -43.06 -1.47
C ASN A 4 4.99 -41.76 -1.77
N LEU A 5 5.23 -41.17 -2.95
CA LEU A 5 4.60 -39.90 -3.32
C LEU A 5 3.07 -39.88 -3.35
N THR A 6 2.45 -41.04 -3.55
CA THR A 6 0.99 -41.14 -3.57
C THR A 6 0.52 -41.05 -2.13
N ASN A 7 1.49 -41.11 -1.21
CA ASN A 7 1.23 -41.08 0.23
C ASN A 7 1.55 -39.77 0.96
N SER A 8 2.09 -38.80 0.25
CA SER A 8 2.44 -37.51 0.86
C SER A 8 1.19 -36.84 1.46
N ASN A 9 1.42 -35.94 2.39
CA ASN A 9 0.34 -35.19 3.03
C ASN A 9 0.56 -33.70 2.78
N CYS A 10 1.49 -33.40 1.89
CA CYS A 10 1.81 -32.01 1.59
C CYS A 10 0.77 -31.38 0.68
N VAL A 11 -0.20 -32.18 0.24
CA VAL A 11 -1.25 -31.68 -0.64
C VAL A 11 -2.60 -32.30 -0.30
N GLU A 12 -3.64 -31.49 -0.38
CA GLU A 12 -4.98 -31.95 -0.11
C GLU A 12 -6.03 -31.57 -1.14
N GLU A 13 -7.11 -32.32 -1.09
CA GLU A 13 -8.24 -32.21 -2.00
C GLU A 13 -9.47 -32.04 -1.12
N TYR A 14 -10.12 -30.89 -1.21
CA TYR A 14 -11.31 -30.67 -0.40
C TYR A 14 -12.53 -30.30 -1.23
N LYS A 15 -13.69 -30.45 -0.63
CA LYS A 15 -14.94 -30.16 -1.30
C LYS A 15 -15.47 -28.85 -0.75
N GLU A 16 -15.12 -27.73 -1.38
CA GLU A 16 -15.66 -26.47 -0.92
C GLU A 16 -17.09 -26.68 -1.38
N ASN A 17 -17.86 -25.62 -1.60
CA ASN A 17 -19.19 -25.90 -2.04
C ASN A 17 -19.20 -26.07 -3.55
N GLY A 18 -19.62 -27.26 -4.00
CA GLY A 18 -19.68 -27.54 -5.42
C GLY A 18 -18.55 -28.34 -6.05
N LYS A 19 -17.43 -27.68 -6.32
CA LYS A 19 -16.27 -28.32 -6.94
C LYS A 19 -15.34 -29.02 -5.95
N THR A 20 -14.27 -29.58 -6.48
CA THR A 20 -13.28 -30.25 -5.66
C THR A 20 -12.03 -29.39 -5.84
N LYS A 21 -11.74 -28.59 -4.84
CA LYS A 21 -10.61 -27.67 -4.87
C LYS A 21 -9.40 -28.33 -4.21
N ILE A 22 -8.21 -28.06 -4.72
CA ILE A 22 -6.99 -28.62 -4.13
C ILE A 22 -6.40 -27.59 -3.14
N ARG A 23 -5.55 -28.04 -2.22
CA ARG A 23 -4.95 -27.17 -1.22
C ARG A 23 -3.60 -27.68 -0.73
N ILE A 24 -2.59 -26.83 -0.78
CA ILE A 24 -1.25 -27.23 -0.33
C ILE A 24 -1.16 -27.21 1.18
N LYS A 25 -0.43 -28.18 1.73
CA LYS A 25 -0.22 -28.31 3.17
C LYS A 25 1.26 -28.02 3.40
N PRO A 26 1.64 -26.73 3.39
CA PRO A 26 3.00 -26.23 3.57
C PRO A 26 3.86 -26.86 4.67
N PHE A 27 3.30 -27.06 5.86
CA PHE A 27 4.07 -27.64 6.94
C PHE A 27 4.38 -29.12 6.74
N ASN A 28 3.44 -29.85 6.14
CA ASN A 28 3.66 -31.26 5.87
C ASN A 28 4.73 -31.40 4.80
N ALA A 29 4.75 -30.46 3.86
CA ALA A 29 5.75 -30.48 2.80
C ALA A 29 7.11 -30.38 3.50
N LEU A 30 7.20 -29.46 4.45
CA LEU A 30 8.42 -29.24 5.20
C LEU A 30 8.83 -30.46 6.03
N ILE A 31 7.93 -30.95 6.86
CA ILE A 31 8.24 -32.11 7.70
C ILE A 31 8.70 -33.29 6.84
N GLU A 32 8.04 -33.46 5.70
CA GLU A 32 8.36 -34.54 4.78
C GLU A 32 9.72 -34.39 4.13
N LEU A 33 10.08 -33.17 3.71
CA LEU A 33 11.38 -32.99 3.06
C LEU A 33 12.50 -32.78 4.07
N TYR A 34 12.20 -32.34 5.29
CA TYR A 34 13.25 -32.16 6.30
C TYR A 34 13.09 -32.99 7.59
N HIS A 35 13.40 -34.28 7.45
CA HIS A 35 13.32 -35.26 8.52
C HIS A 35 14.49 -35.30 9.47
N HIS A 36 15.70 -35.25 8.93
CA HIS A 36 16.87 -35.34 9.77
C HIS A 36 17.79 -34.15 9.72
N GLN A 37 17.21 -32.99 9.41
CA GLN A 37 17.98 -31.77 9.33
C GLN A 37 17.10 -30.61 8.88
N THR A 38 17.48 -29.41 9.31
CA THR A 38 16.76 -28.20 8.95
C THR A 38 17.36 -27.68 7.64
N PRO A 39 16.61 -26.86 6.89
CA PRO A 39 17.09 -26.30 5.62
C PRO A 39 18.42 -25.56 5.75
N THR A 40 19.25 -25.64 4.72
CA THR A 40 20.53 -24.97 4.70
C THR A 40 20.86 -24.50 3.29
N GLY A 41 21.96 -23.77 3.15
CA GLY A 41 22.38 -23.31 1.86
C GLY A 41 21.50 -22.24 1.25
N SER A 42 21.21 -22.38 -0.03
CA SER A 42 20.40 -21.42 -0.75
C SER A 42 18.92 -21.52 -0.41
N ILE A 43 18.36 -20.38 0.01
CA ILE A 43 16.96 -20.32 0.37
C ILE A 43 16.11 -20.61 -0.85
N LYS A 44 16.48 -19.99 -1.97
CA LYS A 44 15.77 -20.16 -3.24
C LYS A 44 15.78 -21.65 -3.63
N GLU A 45 16.93 -22.31 -3.47
CA GLU A 45 17.05 -23.72 -3.78
C GLU A 45 16.01 -24.52 -3.01
N ASN A 46 15.98 -24.32 -1.69
CA ASN A 46 15.04 -25.01 -0.83
C ASN A 46 13.59 -24.70 -1.15
N LEU A 47 13.31 -23.46 -1.53
CA LEU A 47 11.94 -23.10 -1.86
C LEU A 47 11.54 -23.88 -3.10
N ASP A 48 12.37 -23.84 -4.13
CA ASP A 48 12.10 -24.58 -5.37
C ASP A 48 11.95 -26.06 -5.03
N LYS A 49 12.92 -26.62 -4.32
CA LYS A 49 12.85 -28.02 -3.92
C LYS A 49 11.46 -28.36 -3.35
N LEU A 50 11.04 -27.60 -2.34
CA LEU A 50 9.74 -27.80 -1.71
C LEU A 50 8.63 -27.70 -2.75
N GLU A 51 8.73 -26.70 -3.61
CA GLU A 51 7.73 -26.48 -4.63
C GLU A 51 7.61 -27.64 -5.61
N ASN A 52 8.75 -28.09 -6.14
CA ASN A 52 8.74 -29.20 -7.08
C ASN A 52 8.26 -30.47 -6.39
N TYR A 53 8.66 -30.65 -5.14
CA TYR A 53 8.22 -31.83 -4.39
C TYR A 53 6.71 -31.91 -4.42
N VAL A 54 6.09 -30.77 -4.11
CA VAL A 54 4.63 -30.70 -4.11
C VAL A 54 4.12 -31.07 -5.50
N LYS A 55 4.66 -30.39 -6.52
CA LYS A 55 4.25 -30.63 -7.90
C LYS A 55 4.36 -32.11 -8.26
N ASP A 56 5.43 -32.76 -7.80
CA ASP A 56 5.63 -34.19 -8.07
C ASP A 56 4.51 -34.96 -7.36
N VAL A 57 4.29 -34.63 -6.10
CA VAL A 57 3.23 -35.29 -5.33
C VAL A 57 1.87 -35.13 -6.00
N VAL A 58 1.57 -33.92 -6.48
CA VAL A 58 0.30 -33.65 -7.14
C VAL A 58 0.15 -34.51 -8.40
N LYS A 59 1.26 -34.70 -9.12
CA LYS A 59 1.21 -35.52 -10.32
C LYS A 59 0.93 -36.96 -9.92
N ALA A 60 1.68 -37.48 -8.95
CA ALA A 60 1.50 -38.85 -8.47
C ALA A 60 0.08 -39.06 -7.92
N LYS A 61 -0.45 -38.04 -7.26
CA LYS A 61 -1.81 -38.12 -6.71
C LYS A 61 -2.81 -38.03 -7.87
N GLY A 62 -2.33 -37.51 -9.00
CA GLY A 62 -3.16 -37.35 -10.18
C GLY A 62 -4.25 -36.35 -9.91
N LEU A 63 -3.90 -35.28 -9.21
CA LEU A 63 -4.86 -34.24 -8.85
C LEU A 63 -4.57 -32.96 -9.59
N ALA A 64 -5.46 -32.00 -9.46
CA ALA A 64 -5.28 -30.73 -10.13
C ALA A 64 -4.01 -30.02 -9.63
N ILE A 65 -3.41 -29.24 -10.51
CA ILE A 65 -2.23 -28.45 -10.19
C ILE A 65 -2.64 -27.17 -9.44
N PRO A 66 -2.11 -26.91 -8.26
CA PRO A 66 -2.50 -25.65 -7.59
C PRO A 66 -2.07 -24.43 -8.43
N THR A 67 -2.84 -23.35 -8.39
CA THR A 67 -2.52 -22.14 -9.15
C THR A 67 -1.14 -21.60 -8.81
N SER A 68 -0.51 -20.92 -9.76
CA SER A 68 0.81 -20.34 -9.53
C SER A 68 0.72 -19.35 -8.38
N GLY A 69 -0.43 -18.70 -8.25
CA GLY A 69 -0.61 -17.74 -7.17
C GLY A 69 -0.59 -18.49 -5.84
N ALA A 70 -1.24 -19.64 -5.81
CA ALA A 70 -1.27 -20.47 -4.61
C ALA A 70 0.14 -20.85 -4.21
N PHE A 71 0.97 -21.18 -5.21
CA PHE A 71 2.36 -21.54 -4.96
C PHE A 71 3.11 -20.35 -4.43
N SER A 72 2.87 -19.19 -5.02
CA SER A 72 3.55 -17.96 -4.62
C SER A 72 3.27 -17.69 -3.15
N ASN A 73 2.03 -17.98 -2.72
CA ASN A 73 1.63 -17.77 -1.33
C ASN A 73 2.26 -18.80 -0.40
N THR A 74 2.26 -20.07 -0.82
CA THR A 74 2.84 -21.12 0.00
C THR A 74 4.36 -20.88 0.09
N ARG A 75 4.93 -20.30 -0.96
CA ARG A 75 6.36 -20.01 -1.00
C ARG A 75 6.67 -19.03 0.12
N GLY A 76 5.72 -18.12 0.36
CA GLY A 76 5.90 -17.11 1.39
C GLY A 76 5.86 -17.72 2.77
N THR A 77 4.95 -18.67 2.98
CA THR A 77 4.81 -19.36 4.25
C THR A 77 6.10 -20.10 4.57
N TRP A 78 6.63 -20.79 3.57
CA TRP A 78 7.88 -21.55 3.73
C TRP A 78 9.04 -20.61 4.02
N PHE A 79 9.11 -19.51 3.28
CA PHE A 79 10.15 -18.50 3.47
C PHE A 79 10.10 -18.04 4.91
N GLU A 80 8.91 -17.60 5.31
CA GLU A 80 8.67 -17.12 6.67
C GLU A 80 9.06 -18.14 7.73
N VAL A 81 8.54 -19.35 7.61
CA VAL A 81 8.81 -20.42 8.57
C VAL A 81 10.29 -20.80 8.65
N MET A 82 10.93 -20.97 7.50
CA MET A 82 12.34 -21.33 7.50
C MET A 82 13.16 -20.25 8.21
N ILE A 83 12.76 -18.98 8.03
CA ILE A 83 13.48 -17.89 8.68
C ILE A 83 13.22 -17.92 10.18
N ALA A 84 12.02 -18.35 10.56
CA ALA A 84 11.68 -18.45 11.98
C ALA A 84 12.53 -19.52 12.65
N ILE A 85 12.77 -20.62 11.94
CA ILE A 85 13.58 -21.71 12.49
C ILE A 85 15.05 -21.30 12.60
N GLN A 86 15.57 -20.63 11.58
CA GLN A 86 16.95 -20.16 11.63
C GLN A 86 17.11 -19.30 12.86
N SER A 87 16.20 -18.34 13.01
CA SER A 87 16.23 -17.41 14.14
C SER A 87 16.21 -18.12 15.48
N TRP A 88 15.38 -19.16 15.59
CA TRP A 88 15.32 -19.91 16.83
C TRP A 88 16.72 -20.43 17.13
N ASN A 89 17.30 -21.11 16.15
CA ASN A 89 18.63 -21.69 16.28
C ASN A 89 19.72 -20.64 16.39
N TYR A 90 19.50 -19.49 15.76
CA TYR A 90 20.47 -18.41 15.80
C TYR A 90 20.62 -17.92 17.23
N ARG A 91 19.49 -17.73 17.91
CA ARG A 91 19.51 -17.26 19.28
C ARG A 91 20.34 -18.23 20.12
N VAL A 92 20.18 -19.53 19.87
CA VAL A 92 20.91 -20.55 20.61
C VAL A 92 22.42 -20.54 20.35
N LYS A 93 22.85 -20.64 19.10
CA LYS A 93 24.27 -20.67 18.81
C LYS A 93 25.01 -19.38 19.18
N ARG A 94 24.30 -18.26 19.16
CA ARG A 94 24.89 -16.98 19.52
C ARG A 94 24.85 -16.80 21.03
N GLU A 95 24.11 -17.66 21.71
CA GLU A 95 23.98 -17.59 23.16
C GLU A 95 23.39 -16.25 23.62
N LEU A 96 22.40 -15.77 22.87
CA LEU A 96 21.71 -14.52 23.19
C LEU A 96 20.60 -14.89 24.16
N ASN A 97 20.99 -15.02 25.42
CA ASN A 97 20.08 -15.39 26.48
C ASN A 97 18.89 -14.45 26.70
N ASP A 98 19.15 -13.15 26.69
CA ASP A 98 18.12 -12.16 26.92
C ASP A 98 17.22 -11.83 25.74
N TYR A 99 17.55 -12.31 24.56
CA TYR A 99 16.73 -12.02 23.38
C TYR A 99 15.79 -13.12 22.98
N LEU A 100 14.75 -12.74 22.27
CA LEU A 100 13.78 -13.68 21.71
C LEU A 100 13.45 -13.16 20.31
N ILE A 101 13.47 -14.04 19.31
CA ILE A 101 13.16 -13.68 17.94
C ILE A 101 11.92 -14.50 17.65
N ILE A 102 10.78 -13.83 17.78
CA ILE A 102 9.47 -14.46 17.65
C ILE A 102 8.76 -14.33 16.32
N LYS A 103 8.30 -15.44 15.79
CA LYS A 103 7.53 -15.40 14.56
C LYS A 103 6.09 -15.12 14.96
N MET A 104 5.53 -14.06 14.39
CA MET A 104 4.15 -13.66 14.66
C MET A 104 3.14 -14.17 13.63
N PRO A 105 1.95 -14.57 14.08
CA PRO A 105 0.93 -15.04 13.14
C PRO A 105 0.33 -13.80 12.52
N ASN A 106 -0.71 -13.93 11.71
CA ASN A 106 -1.30 -12.74 11.10
C ASN A 106 -2.19 -12.02 12.11
N VAL A 107 -2.53 -10.77 11.82
CA VAL A 107 -3.35 -9.97 12.70
C VAL A 107 -4.62 -10.66 13.16
N LYS A 108 -5.31 -11.33 12.25
CA LYS A 108 -6.55 -12.02 12.63
C LYS A 108 -6.32 -13.12 13.65
N THR A 109 -5.13 -13.72 13.62
CA THR A 109 -4.82 -14.79 14.57
C THR A 109 -4.43 -14.27 15.93
N PHE A 110 -3.64 -13.20 15.96
CA PHE A 110 -3.18 -12.65 17.22
C PHE A 110 -2.85 -11.19 17.05
N ASP A 111 -3.57 -10.32 17.74
CA ASP A 111 -3.30 -8.90 17.65
C ASP A 111 -2.05 -8.51 18.41
N PHE A 112 -1.17 -7.84 17.68
CA PHE A 112 0.12 -7.32 18.15
C PHE A 112 0.15 -6.80 19.60
N ARG A 113 -0.74 -5.88 19.90
CA ARG A 113 -0.83 -5.26 21.21
C ARG A 113 -0.86 -6.27 22.35
N LYS A 114 -1.50 -7.41 22.12
CA LYS A 114 -1.62 -8.45 23.13
C LYS A 114 -0.31 -8.92 23.72
N ILE A 115 0.81 -8.53 23.13
CA ILE A 115 2.09 -8.95 23.66
C ILE A 115 2.51 -8.09 24.85
N PHE A 116 1.95 -6.89 24.94
CA PHE A 116 2.29 -5.96 26.02
C PHE A 116 1.71 -6.32 27.37
N ASP A 117 2.40 -5.88 28.43
CA ASP A 117 1.93 -6.13 29.78
C ASP A 117 0.72 -5.24 30.02
N ASN A 118 0.11 -5.35 31.19
CA ASN A 118 -1.08 -4.58 31.49
C ASN A 118 -0.94 -3.06 31.44
N GLU A 119 0.15 -2.54 31.97
CA GLU A 119 0.37 -1.11 32.01
C GLU A 119 0.29 -0.48 30.63
N THR A 120 0.94 -1.10 29.65
CA THR A 120 0.93 -0.60 28.29
C THR A 120 -0.40 -0.84 27.58
N ARG A 121 -1.01 -2.01 27.76
CA ARG A 121 -2.30 -2.27 27.10
C ARG A 121 -3.34 -1.22 27.51
N GLU A 122 -3.32 -0.85 28.79
CA GLU A 122 -4.26 0.16 29.28
C GLU A 122 -4.03 1.49 28.58
N LYS A 123 -2.76 1.86 28.40
CA LYS A 123 -2.45 3.13 27.74
C LYS A 123 -2.92 3.11 26.30
N LEU A 124 -2.78 1.97 25.63
CA LEU A 124 -3.20 1.86 24.25
C LEU A 124 -4.73 1.81 24.15
N HIS A 125 -5.39 1.08 25.04
CA HIS A 125 -6.85 1.01 25.00
C HIS A 125 -7.40 2.40 25.20
N GLN A 126 -6.69 3.19 26.00
CA GLN A 126 -7.10 4.55 26.26
C GLN A 126 -6.97 5.34 24.96
N LEU A 127 -5.84 5.20 24.27
CA LEU A 127 -5.63 5.90 23.01
C LEU A 127 -6.67 5.42 22.00
N GLU A 128 -6.93 4.12 22.03
CA GLU A 128 -7.89 3.53 21.11
C GLU A 128 -9.33 3.99 21.37
N LYS A 129 -9.71 4.11 22.64
CA LYS A 129 -11.08 4.54 22.91
C LYS A 129 -11.27 6.02 22.63
N SER A 130 -10.26 6.83 22.92
CA SER A 130 -10.37 8.26 22.65
C SER A 130 -10.56 8.43 21.16
N LEU A 131 -9.81 7.66 20.36
CA LEU A 131 -9.91 7.77 18.92
C LEU A 131 -11.33 7.41 18.46
N LEU A 132 -11.78 6.19 18.77
CA LEU A 132 -13.12 5.73 18.39
C LEU A 132 -14.26 6.63 18.88
N THR A 133 -14.00 7.49 19.87
CA THR A 133 -15.04 8.38 20.39
C THR A 133 -14.99 9.83 19.87
N HIS A 134 -15.30 10.00 18.60
CA HIS A 134 -15.35 11.31 17.97
C HIS A 134 -16.45 11.22 16.92
N LYS A 135 -17.00 12.35 16.52
CA LYS A 135 -18.07 12.37 15.52
C LYS A 135 -17.82 11.41 14.36
N GLN A 136 -16.57 11.34 13.91
CA GLN A 136 -16.22 10.39 12.86
C GLN A 136 -15.22 9.48 13.54
N GLN A 137 -15.51 8.18 13.53
CA GLN A 137 -14.62 7.22 14.18
C GLN A 137 -13.31 7.04 13.44
N VAL A 138 -12.25 7.06 14.24
CA VAL A 138 -10.89 6.88 13.75
C VAL A 138 -10.41 5.68 14.53
N ARG A 139 -10.04 4.62 13.83
CA ARG A 139 -9.55 3.43 14.52
C ARG A 139 -8.05 3.32 14.50
N LEU A 140 -7.52 2.60 15.47
CA LEU A 140 -6.08 2.36 15.55
C LEU A 140 -5.94 0.93 15.02
N ILE A 141 -5.59 0.77 13.74
CA ILE A 141 -5.42 -0.56 13.20
C ILE A 141 -3.95 -0.89 13.15
N THR A 142 -3.59 -2.02 13.75
CA THR A 142 -2.20 -2.47 13.80
C THR A 142 -1.97 -3.70 12.92
N SER A 143 -0.72 -4.01 12.65
CA SER A 143 -0.38 -5.18 11.86
C SER A 143 0.72 -5.90 12.63
N ASN A 144 0.95 -7.17 12.30
CA ASN A 144 1.98 -7.92 12.97
C ASN A 144 3.21 -8.05 12.11
N PRO A 145 4.35 -7.66 12.67
CA PRO A 145 5.56 -7.82 11.84
C PRO A 145 5.85 -9.33 11.81
N ASP A 146 6.27 -9.84 10.66
CA ASP A 146 6.58 -11.27 10.54
C ASP A 146 7.45 -11.77 11.68
N LEU A 147 8.45 -10.98 12.04
CA LEU A 147 9.37 -11.30 13.14
C LEU A 147 9.36 -10.15 14.13
N LEU A 148 9.47 -10.47 15.41
CA LEU A 148 9.52 -9.44 16.44
C LEU A 148 10.67 -9.79 17.37
N ILE A 149 11.65 -8.90 17.48
CA ILE A 149 12.78 -9.16 18.34
C ILE A 149 12.58 -8.39 19.64
N ILE A 150 12.71 -9.09 20.77
CA ILE A 150 12.55 -8.43 22.06
C ILE A 150 13.66 -8.85 23.02
N ARG A 151 13.99 -7.96 23.94
CA ARG A 151 15.02 -8.22 24.92
C ARG A 151 14.44 -8.03 26.31
N GLN A 152 14.18 -9.15 26.99
CA GLN A 152 13.64 -9.13 28.33
C GLN A 152 14.02 -10.47 28.95
N LYS A 153 15.07 -10.43 29.77
CA LYS A 153 15.60 -11.62 30.41
C LYS A 153 14.60 -12.54 31.09
N ASP A 154 13.64 -11.98 31.81
CA ASP A 154 12.68 -12.81 32.53
C ASP A 154 11.63 -13.56 31.70
N LEU A 155 11.77 -13.55 30.38
CA LEU A 155 10.80 -14.26 29.53
C LEU A 155 11.43 -15.52 28.91
N ILE A 156 12.73 -15.69 29.14
CA ILE A 156 13.47 -16.81 28.59
C ILE A 156 13.30 -18.11 29.38
N LYS A 157 12.86 -19.14 28.68
CA LYS A 157 12.70 -20.46 29.29
C LYS A 157 13.91 -21.27 28.90
N SER A 158 14.32 -22.18 29.77
CA SER A 158 15.49 -23.01 29.47
C SER A 158 15.27 -23.80 28.17
N GLU A 159 14.03 -24.23 27.91
CA GLU A 159 13.74 -25.00 26.72
C GLU A 159 13.87 -24.24 25.40
N TYR A 160 14.05 -22.92 25.48
CA TYR A 160 14.24 -22.10 24.29
C TYR A 160 15.65 -22.33 23.83
N ASN A 161 16.47 -22.81 24.75
CA ASN A 161 17.87 -23.08 24.50
C ASN A 161 18.14 -24.43 23.83
N LEU A 162 17.07 -25.15 23.48
CA LEU A 162 17.21 -26.42 22.80
C LEU A 162 17.07 -26.15 21.32
N PRO A 163 18.14 -26.36 20.54
CA PRO A 163 18.12 -26.13 19.09
C PRO A 163 17.16 -27.05 18.36
N ILE A 164 16.65 -26.57 17.24
CA ILE A 164 15.73 -27.33 16.40
C ILE A 164 16.60 -27.98 15.33
N ASN A 165 16.97 -29.24 15.56
CA ASN A 165 17.82 -29.96 14.61
C ASN A 165 17.09 -30.69 13.51
N LYS A 166 15.76 -30.73 13.57
CA LYS A 166 14.97 -31.49 12.61
C LYS A 166 13.58 -30.88 12.52
N LEU A 167 12.96 -30.88 11.34
CA LEU A 167 11.64 -30.30 11.22
C LEU A 167 10.51 -31.34 11.45
N THR A 168 9.80 -31.19 12.56
CA THR A 168 8.71 -32.08 12.93
C THR A 168 7.51 -31.25 13.29
N HIS A 169 6.31 -31.82 13.14
CA HIS A 169 5.07 -31.12 13.44
C HIS A 169 5.15 -30.45 14.81
N GLU A 170 6.14 -30.89 15.55
CA GLU A 170 6.37 -30.48 16.91
C GLU A 170 7.41 -29.37 17.09
N ASN A 171 8.52 -29.47 16.38
CA ASN A 171 9.54 -28.42 16.45
C ASN A 171 8.90 -27.21 15.78
N ILE A 172 8.10 -27.46 14.75
CA ILE A 172 7.45 -26.40 14.02
C ILE A 172 6.44 -25.67 14.90
N ASP A 173 5.77 -26.40 15.78
CA ASP A 173 4.80 -25.75 16.67
C ASP A 173 5.41 -24.92 17.79
N VAL A 174 6.48 -25.41 18.41
CA VAL A 174 7.10 -24.62 19.46
C VAL A 174 7.50 -23.27 18.88
N ALA A 175 8.05 -23.29 17.67
CA ALA A 175 8.47 -22.05 17.01
C ALA A 175 7.30 -21.17 16.62
N LEU A 176 6.23 -21.74 16.07
CA LEU A 176 5.08 -20.95 15.65
C LEU A 176 4.07 -20.60 16.74
N THR A 177 4.34 -21.02 17.97
CA THR A 177 3.45 -20.72 19.09
C THR A 177 4.23 -20.09 20.23
N LEU A 178 5.50 -19.76 19.94
CA LEU A 178 6.35 -19.12 20.94
C LEU A 178 5.70 -17.80 21.42
N PHE A 179 4.98 -17.12 20.52
CA PHE A 179 4.33 -15.86 20.84
C PHE A 179 3.31 -16.01 21.96
N LYS A 180 2.76 -17.21 22.10
CA LYS A 180 1.78 -17.47 23.13
C LYS A 180 2.43 -17.38 24.50
N ASP A 181 3.71 -17.74 24.59
CA ASP A 181 4.40 -17.70 25.87
C ASP A 181 4.62 -16.30 26.41
N ILE A 182 4.71 -15.32 25.52
CA ILE A 182 4.97 -13.97 25.97
C ILE A 182 3.77 -13.03 25.98
N GLU A 183 2.60 -13.50 25.53
CA GLU A 183 1.39 -12.69 25.53
C GLU A 183 1.12 -12.05 26.89
N GLY A 184 0.87 -10.74 26.89
CA GLY A 184 0.58 -10.02 28.12
C GLY A 184 1.76 -9.84 29.04
N LYS A 185 2.97 -10.16 28.57
CA LYS A 185 4.17 -10.05 29.42
C LYS A 185 5.30 -9.15 28.97
N CYS A 186 5.15 -8.50 27.82
N CYS A 186 5.15 -8.50 27.82
CA CYS A 186 6.23 -7.65 27.33
CA CYS A 186 6.24 -7.65 27.33
C CYS A 186 6.17 -6.19 27.76
C CYS A 186 6.18 -6.20 27.76
N LYS A 187 7.25 -5.73 28.37
CA LYS A 187 7.34 -4.34 28.77
C LYS A 187 7.45 -3.64 27.40
N TRP A 188 6.82 -2.48 27.25
CA TRP A 188 6.85 -1.77 25.97
C TRP A 188 8.26 -1.51 25.44
N ASP A 189 9.17 -1.11 26.31
CA ASP A 189 10.53 -0.83 25.84
C ASP A 189 11.41 -2.06 25.74
N SER A 190 10.79 -3.24 25.71
CA SER A 190 11.53 -4.48 25.57
C SER A 190 11.62 -4.78 24.07
N LEU A 191 10.78 -4.13 23.28
CA LEU A 191 10.76 -4.35 21.84
C LEU A 191 12.02 -3.75 21.25
N VAL A 192 12.71 -4.52 20.43
CA VAL A 192 13.93 -4.05 19.79
C VAL A 192 13.65 -3.73 18.33
N ALA A 193 12.97 -4.65 17.64
CA ALA A 193 12.68 -4.43 16.25
C ALA A 193 11.65 -5.39 15.71
N GLY A 194 11.16 -5.06 14.52
CA GLY A 194 10.19 -5.90 13.83
C GLY A 194 10.81 -6.09 12.46
N VAL A 195 10.42 -7.15 11.77
CA VAL A 195 10.96 -7.42 10.43
C VAL A 195 9.85 -7.96 9.55
N GLY A 196 9.66 -7.33 8.39
CA GLY A 196 8.66 -7.82 7.47
C GLY A 196 9.39 -8.73 6.48
N LEU A 197 8.84 -9.90 6.20
CA LEU A 197 9.48 -10.83 5.27
C LEU A 197 8.66 -10.97 3.99
N LYS A 198 9.28 -10.63 2.86
CA LYS A 198 8.60 -10.70 1.57
C LYS A 198 9.42 -11.57 0.62
N THR A 199 8.74 -12.32 -0.24
CA THR A 199 9.45 -13.15 -1.21
C THR A 199 10.13 -12.24 -2.23
N SER A 200 9.51 -11.09 -2.48
CA SER A 200 10.06 -10.11 -3.42
C SER A 200 9.59 -8.71 -3.07
N LEU A 201 10.23 -7.70 -3.66
CA LEU A 201 9.87 -6.31 -3.43
C LEU A 201 8.92 -5.82 -4.51
N ARG A 202 7.99 -6.69 -4.88
CA ARG A 202 6.97 -6.37 -5.85
C ARG A 202 6.24 -5.18 -5.23
N PRO A 203 5.83 -4.19 -6.04
CA PRO A 203 5.12 -3.00 -5.54
C PRO A 203 4.23 -3.18 -4.31
N ASP A 204 3.31 -4.14 -4.35
CA ASP A 204 2.41 -4.35 -3.21
C ASP A 204 3.13 -4.76 -1.94
N ARG A 205 4.12 -5.65 -2.07
CA ARG A 205 4.87 -6.12 -0.92
C ARG A 205 5.78 -5.03 -0.36
N ARG A 206 6.30 -4.21 -1.26
CA ARG A 206 7.17 -3.12 -0.85
C ARG A 206 6.36 -2.12 -0.02
N LEU A 207 5.14 -1.81 -0.50
CA LEU A 207 4.26 -0.88 0.21
C LEU A 207 3.85 -1.42 1.57
N GLN A 208 3.64 -2.74 1.65
CA GLN A 208 3.26 -3.39 2.91
C GLN A 208 4.38 -3.12 3.93
N LEU A 209 5.62 -3.17 3.48
CA LEU A 209 6.73 -2.92 4.39
C LEU A 209 6.68 -1.46 4.84
N VAL A 210 6.55 -0.53 3.89
CA VAL A 210 6.48 0.90 4.20
C VAL A 210 5.35 1.25 5.17
N HIS A 211 4.16 0.68 4.96
CA HIS A 211 3.07 0.98 5.85
C HIS A 211 3.25 0.40 7.25
N GLU A 212 3.67 -0.85 7.33
CA GLU A 212 3.84 -1.50 8.61
C GLU A 212 4.86 -0.78 9.46
N GLY A 213 5.92 -0.28 8.82
CA GLY A 213 6.96 0.42 9.55
C GLY A 213 6.39 1.72 10.09
N ASN A 214 5.51 2.35 9.32
CA ASN A 214 4.88 3.59 9.73
C ASN A 214 3.92 3.28 10.88
N ILE A 215 3.15 2.20 10.74
CA ILE A 215 2.20 1.78 11.75
C ILE A 215 2.85 1.41 13.07
N LEU A 216 3.87 0.56 13.03
CA LEU A 216 4.55 0.13 14.25
C LEU A 216 5.39 1.23 14.90
N LYS A 217 6.13 1.98 14.10
CA LYS A 217 6.97 3.03 14.67
C LYS A 217 6.17 4.17 15.28
N SER A 218 5.03 4.53 14.67
CA SER A 218 4.25 5.63 15.22
C SER A 218 3.66 5.21 16.58
N LEU A 219 3.21 3.97 16.66
CA LEU A 219 2.65 3.44 17.90
C LEU A 219 3.73 3.49 18.97
N PHE A 220 4.94 3.09 18.62
CA PHE A 220 6.04 3.11 19.58
C PHE A 220 6.37 4.54 19.99
N ALA A 221 6.23 5.48 19.06
CA ALA A 221 6.50 6.89 19.35
C ALA A 221 5.42 7.45 20.27
N HIS A 222 4.22 6.91 20.17
CA HIS A 222 3.15 7.35 21.04
C HIS A 222 3.51 6.92 22.46
N LEU A 223 3.89 5.65 22.60
CA LEU A 223 4.26 5.11 23.90
C LEU A 223 5.44 5.85 24.49
N LYS A 224 6.39 6.29 23.66
CA LYS A 224 7.53 7.03 24.19
C LYS A 224 7.01 8.29 24.87
N MET A 225 6.04 8.94 24.24
N MET A 225 6.05 8.97 24.26
CA MET A 225 5.41 10.14 24.77
CA MET A 225 5.51 10.18 24.88
C MET A 225 4.75 9.83 26.11
C MET A 225 4.70 9.86 26.14
N ARG A 226 3.94 8.77 26.11
CA ARG A 226 3.18 8.36 27.29
C ARG A 226 4.05 8.06 28.50
N TYR A 227 5.17 7.36 28.27
CA TYR A 227 6.08 7.00 29.35
C TYR A 227 7.18 8.02 29.55
N TRP A 228 7.19 9.03 28.68
CA TRP A 228 8.18 10.07 28.74
C TRP A 228 9.58 9.45 28.73
N ASN A 229 9.85 8.63 27.73
CA ASN A 229 11.13 7.97 27.63
C ASN A 229 11.68 8.24 26.23
N PRO A 230 12.43 9.33 26.06
CA PRO A 230 13.01 9.71 24.78
C PRO A 230 13.99 8.71 24.22
N LYS A 231 14.62 7.95 25.11
CA LYS A 231 15.64 6.98 24.72
C LYS A 231 15.21 5.61 24.20
N ALA A 232 14.00 5.15 24.52
CA ALA A 232 13.54 3.86 24.04
C ALA A 232 13.66 3.89 22.53
N GLU A 233 14.05 2.77 21.93
CA GLU A 233 14.23 2.73 20.49
C GLU A 233 13.60 1.49 19.86
N PHE A 234 12.92 1.66 18.73
CA PHE A 234 12.30 0.55 18.04
C PHE A 234 12.53 0.67 16.54
N LYS A 235 13.19 -0.32 15.95
CA LYS A 235 13.44 -0.27 14.52
C LYS A 235 12.65 -1.30 13.76
N TYR A 236 12.37 -0.98 12.51
CA TYR A 236 11.62 -1.91 11.69
C TYR A 236 12.40 -2.14 10.41
N TYR A 237 12.52 -3.42 10.04
CA TYR A 237 13.26 -3.84 8.87
C TYR A 237 12.46 -4.65 7.86
N GLY A 238 12.99 -4.73 6.66
CA GLY A 238 12.36 -5.51 5.61
C GLY A 238 13.39 -6.50 5.11
N ALA A 239 12.93 -7.63 4.60
CA ALA A 239 13.81 -8.65 4.05
C ALA A 239 13.16 -9.23 2.80
N SER A 240 13.98 -9.42 1.77
CA SER A 240 13.53 -9.98 0.49
C SER A 240 14.30 -11.27 0.19
N SER A 241 13.64 -12.22 -0.49
CA SER A 241 14.30 -13.46 -0.85
C SER A 241 15.04 -13.21 -2.15
N GLU A 242 14.71 -12.11 -2.81
CA GLU A 242 15.32 -11.72 -4.07
C GLU A 242 16.29 -10.57 -3.87
N PRO A 243 17.21 -10.36 -4.82
CA PRO A 243 18.15 -9.25 -4.65
C PRO A 243 17.40 -7.92 -4.60
N VAL A 244 18.00 -6.93 -3.97
CA VAL A 244 17.35 -5.62 -3.85
C VAL A 244 17.87 -4.62 -4.86
N SER A 245 16.99 -4.17 -5.75
CA SER A 245 17.37 -3.22 -6.78
C SER A 245 17.59 -1.84 -6.19
N LYS A 246 18.49 -1.09 -6.81
CA LYS A 246 18.80 0.28 -6.39
C LYS A 246 17.50 1.07 -6.28
N ALA A 247 16.58 0.83 -7.21
CA ALA A 247 15.32 1.54 -7.21
C ALA A 247 14.49 1.24 -5.95
N ASP A 248 14.30 -0.05 -5.68
CA ASP A 248 13.54 -0.44 -4.51
C ASP A 248 14.16 0.11 -3.24
N ASP A 249 15.49 0.06 -3.19
CA ASP A 249 16.20 0.56 -2.02
C ASP A 249 15.92 2.04 -1.80
N ASP A 250 15.80 2.78 -2.89
CA ASP A 250 15.54 4.21 -2.81
C ASP A 250 14.12 4.44 -2.35
N ALA A 251 13.20 3.62 -2.85
CA ALA A 251 11.81 3.73 -2.48
C ALA A 251 11.67 3.43 -0.99
N LEU A 252 12.50 2.53 -0.48
CA LEU A 252 12.44 2.14 0.92
C LEU A 252 13.16 3.14 1.84
N GLN A 253 13.46 4.34 1.31
CA GLN A 253 14.12 5.38 2.11
C GLN A 253 13.08 6.37 2.58
N THR A 254 11.85 6.18 2.10
CA THR A 254 10.71 7.04 2.44
C THR A 254 10.65 7.34 3.93
N ALA A 255 10.51 8.61 4.28
CA ALA A 255 10.44 9.05 5.68
C ALA A 255 9.18 8.62 6.40
N ALA A 256 9.33 8.23 7.67
CA ALA A 256 8.19 7.83 8.48
C ALA A 256 7.40 9.12 8.61
N THR A 257 6.13 9.09 8.21
CA THR A 257 5.29 10.29 8.23
C THR A 257 5.13 11.00 9.56
N HIS A 258 5.09 10.26 10.68
CA HIS A 258 4.93 10.92 11.98
C HIS A 258 6.19 11.63 12.39
N THR A 259 7.20 11.49 11.56
CA THR A 259 8.53 12.05 11.78
C THR A 259 8.74 13.44 11.19
N ILE A 260 7.92 13.84 10.23
CA ILE A 260 8.09 15.13 9.59
C ILE A 260 7.20 16.26 10.13
N VAL A 261 6.51 16.03 11.24
CA VAL A 261 5.64 17.08 11.76
C VAL A 261 6.25 17.90 12.88
N ASN A 262 7.19 17.35 13.63
CA ASN A 262 7.80 18.13 14.69
C ASN A 262 9.31 18.22 14.44
N VAL A 263 9.84 19.43 14.47
CA VAL A 263 11.26 19.64 14.20
C VAL A 263 12.20 18.98 15.20
N ASN A 264 11.68 18.61 16.36
CA ASN A 264 12.50 17.98 17.39
C ASN A 264 12.58 16.48 17.18
N SER A 265 11.82 15.97 16.22
CA SER A 265 11.83 14.54 15.91
C SER A 265 13.06 14.19 15.08
N THR A 266 13.78 13.16 15.49
CA THR A 266 14.93 12.75 14.71
C THR A 266 14.26 12.19 13.48
N PRO A 267 14.71 12.61 12.29
CA PRO A 267 14.11 12.12 11.05
C PRO A 267 14.50 10.66 10.83
N GLU A 268 13.53 9.83 10.44
CA GLU A 268 13.83 8.42 10.23
C GLU A 268 12.99 7.78 9.13
N ARG A 269 13.50 6.68 8.58
CA ARG A 269 12.82 5.93 7.55
C ARG A 269 11.68 5.14 8.17
N ALA A 270 10.70 4.78 7.34
CA ALA A 270 9.60 3.96 7.81
C ALA A 270 10.23 2.57 8.02
N VAL A 271 11.17 2.23 7.13
CA VAL A 271 11.89 0.95 7.17
C VAL A 271 13.36 1.33 7.30
N ASP A 272 13.98 0.97 8.42
CA ASP A 272 15.36 1.31 8.67
C ASP A 272 16.37 0.68 7.74
N ASP A 273 16.09 -0.51 7.25
CA ASP A 273 17.02 -1.16 6.34
C ASP A 273 16.32 -2.32 5.66
N ILE A 274 16.83 -2.67 4.49
CA ILE A 274 16.26 -3.76 3.73
C ILE A 274 17.36 -4.78 3.54
N PHE A 275 17.02 -6.06 3.69
CA PHE A 275 18.01 -7.14 3.56
C PHE A 275 17.62 -8.10 2.45
N SER A 276 18.61 -8.57 1.70
CA SER A 276 18.38 -9.56 0.64
C SER A 276 18.90 -10.87 1.20
N LEU A 277 17.97 -11.76 1.55
CA LEU A 277 18.34 -13.05 2.13
C LEU A 277 18.45 -14.14 1.07
N THR A 278 19.68 -14.39 0.65
CA THR A 278 19.94 -15.37 -0.38
C THR A 278 20.21 -16.74 0.23
N SER A 279 21.02 -16.76 1.27
CA SER A 279 21.35 -18.01 1.95
C SER A 279 20.85 -17.95 3.37
N PHE A 280 20.95 -19.06 4.08
CA PHE A 280 20.55 -19.10 5.47
C PHE A 280 21.56 -18.34 6.31
N GLU A 281 22.78 -18.22 5.79
CA GLU A 281 23.81 -17.51 6.50
C GLU A 281 23.44 -16.01 6.47
N ASP A 282 22.76 -15.57 5.41
CA ASP A 282 22.34 -14.17 5.30
C ASP A 282 21.34 -13.80 6.40
N ILE A 283 20.56 -14.79 6.82
CA ILE A 283 19.59 -14.60 7.89
C ILE A 283 20.39 -14.24 9.13
N ASP A 284 21.45 -15.02 9.40
CA ASP A 284 22.28 -14.75 10.56
C ASP A 284 22.88 -13.37 10.45
N LYS A 285 23.36 -13.03 9.26
CA LYS A 285 23.97 -11.73 9.05
C LYS A 285 22.99 -10.61 9.34
N MET A 286 21.73 -10.80 8.96
CA MET A 286 20.72 -9.78 9.20
C MET A 286 20.50 -9.62 10.70
N LEU A 287 20.29 -10.73 11.38
CA LEU A 287 20.04 -10.71 12.81
C LEU A 287 21.23 -10.11 13.54
N ASP A 288 22.43 -10.37 13.04
CA ASP A 288 23.62 -9.81 13.70
C ASP A 288 23.56 -8.28 13.67
N GLN A 289 23.12 -7.72 12.55
CA GLN A 289 23.04 -6.26 12.44
C GLN A 289 21.90 -5.71 13.28
N ILE A 290 20.74 -6.35 13.20
CA ILE A 290 19.55 -5.92 13.94
C ILE A 290 19.77 -5.87 15.44
N ILE A 291 20.41 -6.91 15.99
CA ILE A 291 20.64 -7.02 17.42
C ILE A 291 21.81 -6.20 17.99
N LYS A 292 22.70 -5.76 17.11
CA LYS A 292 23.84 -4.94 17.53
C LYS A 292 24.76 -4.77 16.34
N LYS A 293 25.00 -3.53 15.93
CA LYS A 293 25.89 -3.26 14.79
C LYS A 293 26.79 -2.04 14.99
N THR B 3 -22.63 1.44 -38.86
CA THR B 3 -22.24 2.22 -40.11
C THR B 3 -20.76 2.55 -40.12
N ASN B 4 -20.13 2.15 -41.20
CA ASN B 4 -18.70 2.19 -41.44
C ASN B 4 -17.62 2.28 -40.34
N LEU B 5 -17.30 1.07 -39.95
CA LEU B 5 -16.36 0.67 -38.92
C LEU B 5 -14.99 0.40 -39.52
N THR B 6 -14.87 -0.32 -40.64
CA THR B 6 -13.58 -0.57 -41.26
C THR B 6 -13.00 0.82 -41.45
N ASN B 7 -13.83 1.79 -41.11
CA ASN B 7 -13.51 3.20 -41.18
C ASN B 7 -13.26 3.89 -39.81
N SER B 8 -13.27 3.13 -38.72
CA SER B 8 -13.05 3.76 -37.42
C SER B 8 -11.56 4.06 -37.25
N ASN B 9 -11.28 5.04 -36.40
CA ASN B 9 -9.91 5.45 -36.10
C ASN B 9 -9.56 5.13 -34.65
N CYS B 10 -10.40 4.31 -34.03
CA CYS B 10 -10.20 3.93 -32.64
C CYS B 10 -9.16 2.81 -32.52
N VAL B 11 -8.49 2.55 -33.64
CA VAL B 11 -7.44 1.53 -33.72
C VAL B 11 -6.50 1.99 -34.83
N GLU B 12 -5.22 1.71 -34.69
CA GLU B 12 -4.24 2.12 -35.69
C GLU B 12 -3.17 1.06 -35.89
N GLU B 13 -2.71 0.91 -37.14
CA GLU B 13 -1.67 -0.07 -37.44
C GLU B 13 -0.36 0.68 -37.54
N TYR B 14 0.71 0.03 -37.11
CA TYR B 14 2.00 0.65 -37.20
C TYR B 14 3.03 -0.47 -37.21
N LYS B 15 4.17 -0.20 -37.82
CA LYS B 15 5.22 -1.19 -37.88
C LYS B 15 6.32 -0.84 -36.90
N GLU B 16 6.95 -1.90 -36.39
CA GLU B 16 8.04 -1.80 -35.44
C GLU B 16 8.93 -2.97 -35.77
N ASN B 17 10.15 -2.68 -36.21
CA ASN B 17 11.09 -3.73 -36.58
C ASN B 17 10.53 -4.57 -37.72
N GLY B 18 9.86 -3.92 -38.67
CA GLY B 18 9.32 -4.61 -39.81
C GLY B 18 8.14 -5.54 -39.55
N LYS B 19 7.60 -5.54 -38.33
CA LYS B 19 6.45 -6.37 -38.01
C LYS B 19 5.28 -5.40 -37.83
N THR B 20 4.06 -5.79 -38.20
CA THR B 20 2.94 -4.87 -38.03
C THR B 20 2.23 -5.10 -36.71
N LYS B 21 2.01 -3.99 -35.98
CA LYS B 21 1.35 -4.02 -34.68
C LYS B 21 0.11 -3.15 -34.66
N ILE B 22 -0.76 -3.39 -33.67
CA ILE B 22 -2.00 -2.64 -33.55
C ILE B 22 -2.10 -1.92 -32.21
N ARG B 23 -2.44 -0.63 -32.26
CA ARG B 23 -2.59 0.17 -31.04
C ARG B 23 -3.99 0.77 -30.97
N ILE B 24 -4.58 0.77 -29.79
CA ILE B 24 -5.91 1.36 -29.64
C ILE B 24 -5.75 2.87 -29.49
N LYS B 25 -6.71 3.61 -30.01
CA LYS B 25 -6.68 5.07 -29.91
C LYS B 25 -7.88 5.45 -29.05
N PRO B 26 -7.71 5.43 -27.71
CA PRO B 26 -8.77 5.75 -26.75
C PRO B 26 -9.52 7.03 -26.97
N PHE B 27 -8.81 8.08 -27.34
CA PHE B 27 -9.43 9.38 -27.54
C PHE B 27 -10.30 9.45 -28.79
N ASN B 28 -9.92 8.75 -29.84
CA ASN B 28 -10.72 8.74 -31.05
C ASN B 28 -11.98 7.92 -30.80
N ALA B 29 -11.86 6.92 -29.95
CA ALA B 29 -13.00 6.09 -29.61
C ALA B 29 -14.03 6.95 -28.91
N LEU B 30 -13.57 7.80 -28.00
CA LEU B 30 -14.44 8.69 -27.24
C LEU B 30 -15.19 9.68 -28.12
N ILE B 31 -14.43 10.36 -28.98
CA ILE B 31 -15.01 11.34 -29.87
C ILE B 31 -16.03 10.70 -30.81
N GLU B 32 -15.64 9.58 -31.42
CA GLU B 32 -16.50 8.86 -32.34
C GLU B 32 -17.81 8.43 -31.69
N LEU B 33 -17.77 8.12 -30.40
CA LEU B 33 -18.99 7.67 -29.73
C LEU B 33 -19.67 8.78 -28.93
N TYR B 34 -19.08 9.97 -28.88
CA TYR B 34 -19.69 11.07 -28.15
C TYR B 34 -19.68 12.41 -28.91
N HIS B 35 -20.15 12.35 -30.15
CA HIS B 35 -20.24 13.52 -31.01
C HIS B 35 -21.37 14.43 -30.55
N HIS B 36 -22.34 13.88 -29.84
CA HIS B 36 -23.47 14.70 -29.42
C HIS B 36 -23.86 14.70 -27.95
N GLN B 37 -23.10 13.99 -27.12
CA GLN B 37 -23.40 13.96 -25.70
C GLN B 37 -22.21 13.50 -24.90
N THR B 38 -22.25 13.74 -23.59
CA THR B 38 -21.20 13.29 -22.71
C THR B 38 -21.72 12.03 -22.05
N PRO B 39 -20.82 11.14 -21.61
CA PRO B 39 -21.19 9.89 -20.95
C PRO B 39 -22.22 10.07 -19.83
N THR B 40 -23.21 9.18 -19.78
CA THR B 40 -24.24 9.25 -18.74
C THR B 40 -24.68 7.87 -18.25
N GLY B 41 -25.26 7.83 -17.05
CA GLY B 41 -25.70 6.56 -16.51
C GLY B 41 -24.59 5.72 -15.91
N SER B 42 -24.54 4.44 -16.29
CA SER B 42 -23.55 3.51 -15.76
C SER B 42 -22.16 3.71 -16.35
N ILE B 43 -21.20 3.95 -15.47
CA ILE B 43 -19.81 4.13 -15.87
C ILE B 43 -19.31 2.84 -16.52
N LYS B 44 -19.52 1.72 -15.82
CA LYS B 44 -19.10 0.42 -16.33
C LYS B 44 -19.75 0.14 -17.69
N GLU B 45 -21.01 0.55 -17.84
CA GLU B 45 -21.72 0.34 -19.11
C GLU B 45 -21.11 1.17 -20.24
N ASN B 46 -20.77 2.43 -19.96
CA ASN B 46 -20.14 3.29 -20.97
C ASN B 46 -18.78 2.75 -21.37
N LEU B 47 -18.09 2.15 -20.40
CA LEU B 47 -16.76 1.61 -20.65
C LEU B 47 -16.84 0.33 -21.48
N ASP B 48 -17.78 -0.55 -21.13
CA ASP B 48 -17.99 -1.81 -21.86
C ASP B 48 -18.35 -1.48 -23.30
N LYS B 49 -19.20 -0.47 -23.48
CA LYS B 49 -19.63 -0.03 -24.81
C LYS B 49 -18.43 0.39 -25.65
N LEU B 50 -17.60 1.25 -25.08
CA LEU B 50 -16.41 1.72 -25.75
C LEU B 50 -15.54 0.52 -26.11
N GLU B 51 -15.38 -0.40 -25.17
CA GLU B 51 -14.57 -1.59 -25.41
C GLU B 51 -15.10 -2.40 -26.58
N ASN B 52 -16.36 -2.79 -26.49
CA ASN B 52 -17.01 -3.56 -27.54
C ASN B 52 -16.93 -2.82 -28.86
N TYR B 53 -17.08 -1.49 -28.80
CA TYR B 53 -16.99 -0.71 -30.02
C TYR B 53 -15.64 -0.93 -30.68
N VAL B 54 -14.58 -0.80 -29.91
CA VAL B 54 -13.24 -1.00 -30.45
C VAL B 54 -13.10 -2.45 -30.92
N LYS B 55 -13.73 -3.36 -30.20
CA LYS B 55 -13.68 -4.77 -30.57
C LYS B 55 -14.40 -5.03 -31.89
N ASP B 56 -15.49 -4.31 -32.13
CA ASP B 56 -16.22 -4.47 -33.38
C ASP B 56 -15.38 -3.91 -34.52
N VAL B 57 -14.73 -2.77 -34.27
CA VAL B 57 -13.90 -2.14 -35.30
C VAL B 57 -12.70 -3.03 -35.67
N VAL B 58 -12.13 -3.70 -34.68
CA VAL B 58 -11.00 -4.58 -34.94
C VAL B 58 -11.45 -5.70 -35.88
N LYS B 59 -12.62 -6.27 -35.57
CA LYS B 59 -13.17 -7.37 -36.35
C LYS B 59 -13.52 -6.94 -37.77
N ALA B 60 -14.14 -5.78 -37.93
CA ALA B 60 -14.52 -5.30 -39.25
C ALA B 60 -13.29 -4.97 -40.10
N LYS B 61 -12.15 -4.79 -39.45
CA LYS B 61 -10.91 -4.47 -40.14
C LYS B 61 -10.04 -5.72 -40.29
N GLY B 62 -10.54 -6.84 -39.75
CA GLY B 62 -9.81 -8.10 -39.81
C GLY B 62 -8.40 -8.00 -39.25
N LEU B 63 -8.25 -7.23 -38.18
CA LEU B 63 -6.95 -7.01 -37.56
C LEU B 63 -6.69 -7.94 -36.38
N ALA B 64 -5.43 -8.04 -36.00
CA ALA B 64 -5.04 -8.86 -34.85
C ALA B 64 -5.77 -8.25 -33.66
N ILE B 65 -6.30 -9.08 -32.77
CA ILE B 65 -7.04 -8.57 -31.62
C ILE B 65 -6.14 -8.19 -30.44
N PRO B 66 -6.32 -6.95 -29.91
CA PRO B 66 -5.55 -6.44 -28.78
C PRO B 66 -5.76 -7.29 -27.52
N THR B 67 -4.69 -7.51 -26.76
CA THR B 67 -4.75 -8.32 -25.55
C THR B 67 -5.63 -7.71 -24.47
N SER B 68 -5.99 -8.51 -23.48
CA SER B 68 -6.81 -8.02 -22.39
C SER B 68 -6.09 -6.83 -21.78
N GLY B 69 -4.77 -6.93 -21.71
CA GLY B 69 -3.98 -5.86 -21.16
C GLY B 69 -4.21 -4.53 -21.85
N ALA B 70 -4.02 -4.52 -23.17
CA ALA B 70 -4.21 -3.30 -23.98
C ALA B 70 -5.57 -2.70 -23.67
N PHE B 71 -6.58 -3.56 -23.54
CA PHE B 71 -7.94 -3.12 -23.24
C PHE B 71 -8.10 -2.62 -21.81
N SER B 72 -7.54 -3.35 -20.84
CA SER B 72 -7.64 -2.95 -19.45
C SER B 72 -7.02 -1.58 -19.27
N ASN B 73 -5.96 -1.32 -20.03
CA ASN B 73 -5.29 -0.03 -19.97
C ASN B 73 -6.13 1.06 -20.63
N THR B 74 -6.74 0.75 -21.77
CA THR B 74 -7.56 1.72 -22.45
C THR B 74 -8.78 2.13 -21.62
N ARG B 75 -9.38 1.18 -20.91
CA ARG B 75 -10.53 1.50 -20.07
C ARG B 75 -10.12 2.51 -18.99
N GLY B 76 -8.88 2.39 -18.52
CA GLY B 76 -8.37 3.30 -17.50
C GLY B 76 -8.28 4.71 -18.07
N THR B 77 -7.73 4.82 -19.27
CA THR B 77 -7.61 6.12 -19.92
C THR B 77 -8.99 6.72 -20.16
N TRP B 78 -9.96 5.87 -20.49
CA TRP B 78 -11.32 6.33 -20.72
C TRP B 78 -11.92 6.79 -19.38
N PHE B 79 -11.70 6.01 -18.33
CA PHE B 79 -12.22 6.36 -17.03
C PHE B 79 -11.68 7.71 -16.57
N GLU B 80 -10.39 7.93 -16.83
CA GLU B 80 -9.72 9.17 -16.47
C GLU B 80 -10.38 10.33 -17.19
N VAL B 81 -10.72 10.13 -18.46
CA VAL B 81 -11.36 11.18 -19.25
C VAL B 81 -12.76 11.43 -18.69
N MET B 82 -13.47 10.36 -18.34
CA MET B 82 -14.81 10.47 -17.79
C MET B 82 -14.85 11.27 -16.50
N ILE B 83 -13.93 10.94 -15.59
CA ILE B 83 -13.81 11.64 -14.32
C ILE B 83 -13.54 13.12 -14.59
N ALA B 84 -12.53 13.40 -15.41
CA ALA B 84 -12.16 14.76 -15.75
C ALA B 84 -13.30 15.58 -16.34
N ILE B 85 -14.03 15.00 -17.30
CA ILE B 85 -15.14 15.70 -17.94
C ILE B 85 -16.28 15.98 -16.95
N GLN B 86 -16.64 14.96 -16.19
CA GLN B 86 -17.71 15.12 -15.22
C GLN B 86 -17.35 16.22 -14.26
N SER B 87 -16.12 16.18 -13.72
CA SER B 87 -15.66 17.20 -12.77
C SER B 87 -15.72 18.59 -13.36
N TRP B 88 -15.32 18.71 -14.63
CA TRP B 88 -15.33 20.00 -15.32
C TRP B 88 -16.76 20.54 -15.39
N ASN B 89 -17.71 19.68 -15.75
CA ASN B 89 -19.11 20.12 -15.84
C ASN B 89 -19.74 20.34 -14.45
N TYR B 90 -19.21 19.65 -13.44
CA TYR B 90 -19.71 19.78 -12.08
C TYR B 90 -19.53 21.18 -11.52
N ARG B 91 -18.32 21.73 -11.63
CA ARG B 91 -18.11 23.06 -11.09
C ARG B 91 -18.89 24.10 -11.88
N VAL B 92 -19.22 23.76 -13.12
CA VAL B 92 -19.98 24.67 -13.95
C VAL B 92 -21.44 24.67 -13.52
N LYS B 93 -22.07 23.50 -13.49
CA LYS B 93 -23.48 23.45 -13.12
C LYS B 93 -23.74 23.80 -11.65
N ARG B 94 -22.74 23.63 -10.80
CA ARG B 94 -22.86 23.96 -9.38
C ARG B 94 -22.47 25.41 -9.17
N GLU B 95 -21.97 26.04 -10.23
CA GLU B 95 -21.52 27.43 -10.21
C GLU B 95 -20.48 27.68 -9.12
N LEU B 96 -19.46 26.83 -9.05
CA LEU B 96 -18.40 26.97 -8.07
C LEU B 96 -17.31 27.80 -8.71
N ASN B 97 -17.53 29.10 -8.80
CA ASN B 97 -16.57 29.99 -9.45
C ASN B 97 -15.20 30.12 -8.79
N ASP B 98 -15.03 29.60 -7.58
CA ASP B 98 -13.74 29.70 -6.91
C ASP B 98 -13.01 28.37 -6.84
N TYR B 99 -13.65 27.32 -7.35
CA TYR B 99 -13.08 25.98 -7.32
C TYR B 99 -12.60 25.41 -8.65
N LEU B 100 -11.60 24.56 -8.56
CA LEU B 100 -11.03 23.87 -9.70
C LEU B 100 -10.91 22.42 -9.24
N ILE B 101 -11.49 21.52 -10.01
CA ILE B 101 -11.43 20.09 -9.73
C ILE B 101 -10.61 19.56 -10.90
N ILE B 102 -9.32 19.32 -10.65
CA ILE B 102 -8.40 18.88 -11.68
C ILE B 102 -8.00 17.41 -11.71
N LYS B 103 -8.03 16.84 -12.91
CA LYS B 103 -7.65 15.46 -13.10
C LYS B 103 -6.12 15.41 -13.23
N MET B 104 -5.46 14.77 -12.28
CA MET B 104 -4.01 14.70 -12.30
C MET B 104 -3.44 13.42 -12.88
N PRO B 105 -2.31 13.53 -13.61
CA PRO B 105 -1.62 12.41 -14.24
C PRO B 105 -0.76 11.78 -13.13
N ASN B 106 0.11 10.83 -13.48
CA ASN B 106 0.94 10.23 -12.44
C ASN B 106 2.08 11.18 -12.08
N VAL B 107 2.63 11.02 -10.88
CA VAL B 107 3.70 11.89 -10.38
C VAL B 107 4.90 12.06 -11.31
N LYS B 108 5.22 11.05 -12.09
CA LYS B 108 6.35 11.15 -13.00
C LYS B 108 6.07 12.04 -14.19
N THR B 109 4.81 12.07 -14.61
CA THR B 109 4.40 12.91 -15.73
C THR B 109 4.41 14.37 -15.27
N PHE B 110 3.78 14.64 -14.14
CA PHE B 110 3.72 15.99 -13.60
C PHE B 110 3.46 15.90 -12.11
N ASP B 111 4.50 16.11 -11.30
CA ASP B 111 4.38 16.07 -9.85
C ASP B 111 3.43 17.21 -9.45
N PHE B 112 2.31 16.86 -8.82
CA PHE B 112 1.31 17.86 -8.43
C PHE B 112 1.89 18.99 -7.59
N ARG B 113 2.96 18.70 -6.86
CA ARG B 113 3.62 19.70 -6.02
C ARG B 113 4.05 20.92 -6.83
N LYS B 114 4.19 20.76 -8.13
CA LYS B 114 4.59 21.85 -9.00
C LYS B 114 3.50 22.89 -9.16
N ILE B 115 2.31 22.63 -8.62
CA ILE B 115 1.23 23.62 -8.72
C ILE B 115 1.41 24.66 -7.62
N PHE B 116 2.21 24.32 -6.63
CA PHE B 116 2.47 25.22 -5.51
C PHE B 116 3.32 26.42 -5.92
N ASP B 117 3.11 27.54 -5.24
CA ASP B 117 3.89 28.73 -5.52
C ASP B 117 5.33 28.51 -5.08
N ASN B 118 6.20 29.41 -5.47
CA ASN B 118 7.61 29.30 -5.13
C ASN B 118 7.91 29.22 -3.62
N GLU B 119 7.25 30.07 -2.83
CA GLU B 119 7.47 30.10 -1.39
C GLU B 119 7.24 28.73 -0.76
N THR B 120 6.15 28.07 -1.14
CA THR B 120 5.82 26.76 -0.62
C THR B 120 6.79 25.67 -1.08
N ARG B 121 7.13 25.66 -2.37
CA ARG B 121 8.07 24.66 -2.91
C ARG B 121 9.47 24.75 -2.26
N GLU B 122 9.92 25.97 -1.97
CA GLU B 122 11.21 26.15 -1.32
C GLU B 122 11.20 25.50 0.08
N LYS B 123 10.08 25.63 0.79
CA LYS B 123 9.99 25.04 2.13
C LYS B 123 10.06 23.52 2.03
N LEU B 124 9.43 22.95 1.01
CA LEU B 124 9.45 21.51 0.84
C LEU B 124 10.83 21.07 0.37
N HIS B 125 11.48 21.89 -0.46
CA HIS B 125 12.82 21.55 -0.94
C HIS B 125 13.80 21.61 0.21
N GLN B 126 13.58 22.55 1.11
CA GLN B 126 14.45 22.67 2.26
C GLN B 126 14.25 21.42 3.14
N LEU B 127 13.01 20.94 3.26
CA LEU B 127 12.70 19.75 4.05
C LEU B 127 13.41 18.54 3.44
N GLU B 128 13.31 18.38 2.13
CA GLU B 128 13.96 17.26 1.45
C GLU B 128 15.45 17.24 1.69
N LYS B 129 16.08 18.39 1.48
CA LYS B 129 17.52 18.55 1.65
C LYS B 129 17.90 18.26 3.11
N SER B 130 17.03 18.66 4.03
CA SER B 130 17.25 18.43 5.45
C SER B 130 17.31 16.91 5.73
N LEU B 131 16.30 16.21 5.24
CA LEU B 131 16.18 14.77 5.41
C LEU B 131 17.31 13.98 4.80
N LEU B 132 17.63 14.30 3.54
CA LEU B 132 18.69 13.64 2.80
C LEU B 132 20.09 13.98 3.32
N THR B 133 20.16 14.87 4.31
CA THR B 133 21.45 15.24 4.90
C THR B 133 21.61 14.60 6.27
N HIS B 134 21.80 13.29 6.28
CA HIS B 134 21.98 12.54 7.51
C HIS B 134 22.85 11.35 7.16
N LYS B 135 23.67 10.87 8.11
CA LYS B 135 24.52 9.72 7.82
C LYS B 135 23.65 8.71 7.08
N GLN B 136 22.52 8.35 7.69
CA GLN B 136 21.59 7.43 7.04
C GLN B 136 20.58 8.32 6.32
N GLN B 137 20.55 8.21 5.00
CA GLN B 137 19.64 9.00 4.19
C GLN B 137 18.16 8.67 4.33
N VAL B 138 17.37 9.70 4.55
CA VAL B 138 15.93 9.56 4.67
C VAL B 138 15.44 10.34 3.45
N ARG B 139 14.31 9.96 2.90
CA ARG B 139 13.83 10.62 1.70
C ARG B 139 12.34 10.95 1.74
N LEU B 140 11.99 12.12 1.21
CA LEU B 140 10.59 12.53 1.16
C LEU B 140 10.12 12.10 -0.22
N ILE B 141 9.23 11.11 -0.25
CA ILE B 141 8.71 10.59 -1.49
C ILE B 141 7.21 10.78 -1.52
N THR B 142 6.73 11.63 -2.42
CA THR B 142 5.30 11.89 -2.52
C THR B 142 4.75 11.35 -3.84
N SER B 143 3.44 11.26 -3.93
CA SER B 143 2.78 10.78 -5.15
C SER B 143 1.66 11.73 -5.51
N ASN B 144 0.97 11.45 -6.61
CA ASN B 144 -0.13 12.29 -7.08
C ASN B 144 -1.51 11.73 -6.84
N PRO B 145 -2.38 12.51 -6.19
CA PRO B 145 -3.74 12.01 -5.98
C PRO B 145 -4.31 12.09 -7.40
N ASP B 146 -5.28 11.24 -7.73
CA ASP B 146 -5.82 11.26 -9.08
C ASP B 146 -6.70 12.47 -9.32
N LEU B 147 -7.21 13.04 -8.26
CA LEU B 147 -8.08 14.20 -8.39
C LEU B 147 -7.78 15.22 -7.30
N LEU B 148 -7.66 16.48 -7.70
CA LEU B 148 -7.40 17.58 -6.77
C LEU B 148 -8.54 18.62 -6.74
N ILE B 149 -8.97 19.00 -5.55
CA ILE B 149 -9.99 20.02 -5.41
C ILE B 149 -9.24 21.22 -4.85
N ILE B 150 -9.18 22.27 -5.67
CA ILE B 150 -8.47 23.49 -5.33
C ILE B 150 -9.43 24.67 -5.20
N ARG B 151 -9.17 25.56 -4.27
CA ARG B 151 -10.03 26.72 -4.10
C ARG B 151 -9.19 27.98 -4.06
N GLN B 152 -9.20 28.73 -5.15
CA GLN B 152 -8.44 29.97 -5.26
C GLN B 152 -9.06 30.75 -6.43
N LYS B 153 -9.92 31.70 -6.11
CA LYS B 153 -10.60 32.48 -7.13
C LYS B 153 -9.76 32.99 -8.28
N ASP B 154 -8.59 33.54 -7.97
CA ASP B 154 -7.74 34.10 -9.01
C ASP B 154 -7.21 33.10 -10.04
N LEU B 155 -7.50 31.81 -9.86
CA LEU B 155 -7.04 30.80 -10.80
C LEU B 155 -8.08 30.51 -11.88
N ILE B 156 -9.28 31.04 -11.69
CA ILE B 156 -10.40 30.82 -12.61
C ILE B 156 -10.42 31.66 -13.89
N LYS B 157 -10.42 30.97 -15.03
CA LYS B 157 -10.48 31.62 -16.33
C LYS B 157 -11.89 31.41 -16.86
N SER B 158 -12.42 32.41 -17.58
CA SER B 158 -13.77 32.33 -18.13
C SER B 158 -14.00 31.08 -18.99
N GLU B 159 -12.96 30.59 -19.67
CA GLU B 159 -13.09 29.42 -20.52
C GLU B 159 -13.52 28.18 -19.75
N TYR B 160 -13.16 28.12 -18.48
CA TYR B 160 -13.48 26.99 -17.63
C TYR B 160 -14.97 26.92 -17.38
N ASN B 161 -15.65 28.05 -17.58
CA ASN B 161 -17.07 28.13 -17.33
C ASN B 161 -17.98 27.74 -18.47
N LEU B 162 -17.41 27.14 -19.52
CA LEU B 162 -18.20 26.68 -20.65
C LEU B 162 -18.31 25.17 -20.49
N PRO B 163 -19.54 24.64 -20.37
CA PRO B 163 -19.63 23.18 -20.21
C PRO B 163 -19.22 22.39 -21.44
N ILE B 164 -19.03 21.09 -21.24
CA ILE B 164 -18.65 20.19 -22.32
C ILE B 164 -19.87 19.33 -22.62
N ASN B 165 -20.46 19.55 -23.79
CA ASN B 165 -21.65 18.83 -24.20
C ASN B 165 -21.39 17.66 -25.11
N LYS B 166 -20.15 17.55 -25.58
CA LYS B 166 -19.76 16.47 -26.46
C LYS B 166 -18.24 16.42 -26.45
N LEU B 167 -17.69 15.22 -26.64
CA LEU B 167 -16.25 15.04 -26.62
C LEU B 167 -15.56 15.33 -27.94
N THR B 168 -14.45 16.08 -27.85
CA THR B 168 -13.64 16.45 -29.00
C THR B 168 -12.16 16.38 -28.57
N HIS B 169 -11.28 16.26 -29.52
N HIS B 169 -11.29 16.26 -29.51
CA HIS B 169 -9.84 16.20 -29.21
CA HIS B 169 -9.84 16.19 -29.20
C HIS B 169 -9.45 17.41 -28.38
C HIS B 169 -9.44 17.41 -28.39
N GLU B 170 -10.09 18.53 -28.65
CA GLU B 170 -9.79 19.76 -27.95
C GLU B 170 -10.29 19.86 -26.50
N ASN B 171 -11.57 19.61 -26.24
CA ASN B 171 -12.00 19.74 -24.85
C ASN B 171 -11.48 18.61 -23.97
N ILE B 172 -11.12 17.48 -24.58
CA ILE B 172 -10.56 16.36 -23.82
C ILE B 172 -9.14 16.75 -23.40
N ASP B 173 -8.37 17.29 -24.34
CA ASP B 173 -7.01 17.70 -24.06
C ASP B 173 -6.99 18.79 -22.98
N VAL B 174 -7.94 19.72 -23.05
CA VAL B 174 -8.00 20.79 -22.07
C VAL B 174 -8.32 20.24 -20.67
N ALA B 175 -9.18 19.24 -20.61
CA ALA B 175 -9.57 18.65 -19.33
C ALA B 175 -8.43 17.84 -18.71
N LEU B 176 -7.55 17.31 -19.55
CA LEU B 176 -6.45 16.49 -19.07
C LEU B 176 -5.12 17.23 -18.85
N THR B 177 -5.08 18.52 -19.18
CA THR B 177 -3.86 19.31 -19.00
C THR B 177 -4.15 20.56 -18.22
N LEU B 178 -5.24 20.55 -17.47
CA LEU B 178 -5.66 21.70 -16.67
C LEU B 178 -4.60 22.07 -15.64
N PHE B 179 -3.94 21.07 -15.07
CA PHE B 179 -2.91 21.32 -14.05
C PHE B 179 -1.82 22.24 -14.57
N LYS B 180 -1.62 22.27 -15.88
CA LYS B 180 -0.59 23.12 -16.48
C LYS B 180 -0.91 24.62 -16.35
N ASP B 181 -2.19 24.98 -16.36
CA ASP B 181 -2.61 26.39 -16.22
C ASP B 181 -2.30 26.97 -14.85
N ILE B 182 -2.31 26.13 -13.82
CA ILE B 182 -2.07 26.61 -12.48
C ILE B 182 -0.70 26.29 -11.91
N GLU B 183 0.20 25.75 -12.74
CA GLU B 183 1.53 25.42 -12.26
C GLU B 183 2.22 26.63 -11.65
N GLY B 184 2.68 26.46 -10.40
CA GLY B 184 3.39 27.50 -9.66
C GLY B 184 2.51 28.63 -9.17
N LYS B 185 1.20 28.49 -9.29
CA LYS B 185 0.28 29.54 -8.88
C LYS B 185 -0.56 29.28 -7.64
N CYS B 186 -0.54 28.05 -7.14
N CYS B 186 -0.56 28.05 -7.14
CA CYS B 186 -1.35 27.71 -5.98
CA CYS B 186 -1.39 27.71 -5.99
C CYS B 186 -0.74 27.97 -4.61
C CYS B 186 -0.77 27.95 -4.62
N LYS B 187 -1.50 28.67 -3.78
CA LYS B 187 -1.09 28.95 -2.42
C LYS B 187 -1.26 27.58 -1.76
N TRP B 188 -0.33 27.21 -0.90
CA TRP B 188 -0.38 25.91 -0.25
C TRP B 188 -1.72 25.57 0.40
N ASP B 189 -2.36 26.55 1.05
CA ASP B 189 -3.63 26.28 1.71
C ASP B 189 -4.83 26.41 0.78
N SER B 190 -4.56 26.40 -0.52
CA SER B 190 -5.63 26.51 -1.50
C SER B 190 -6.18 25.14 -1.90
N LEU B 191 -5.47 24.06 -1.58
CA LEU B 191 -5.93 22.71 -1.89
C LEU B 191 -6.91 22.38 -0.80
N VAL B 192 -8.01 21.77 -1.14
CA VAL B 192 -8.91 21.44 -0.10
C VAL B 192 -8.94 19.97 0.03
N ALA B 193 -8.67 19.27 -1.08
CA ALA B 193 -8.68 17.84 -1.02
C ALA B 193 -8.05 17.14 -2.21
N GLY B 194 -7.75 15.87 -1.99
CA GLY B 194 -7.19 15.01 -3.03
C GLY B 194 -8.00 13.72 -3.00
N VAL B 195 -8.17 13.09 -4.16
CA VAL B 195 -8.92 11.84 -4.22
C VAL B 195 -8.11 10.76 -4.92
N GLY B 196 -8.06 9.57 -4.32
CA GLY B 196 -7.35 8.47 -4.94
C GLY B 196 -8.41 7.59 -5.57
N LEU B 197 -8.38 7.45 -6.89
CA LEU B 197 -9.37 6.63 -7.61
C LEU B 197 -8.86 5.21 -7.82
N LYS B 198 -9.62 4.22 -7.32
CA LYS B 198 -9.21 2.82 -7.45
C LYS B 198 -10.25 1.94 -8.14
N THR B 199 -9.78 1.00 -8.96
CA THR B 199 -10.66 0.09 -9.68
C THR B 199 -11.52 -0.71 -8.70
N SER B 200 -10.94 -1.05 -7.57
CA SER B 200 -11.62 -1.80 -6.53
C SER B 200 -10.82 -1.64 -5.27
N LEU B 201 -11.33 -2.16 -4.16
CA LEU B 201 -10.63 -2.05 -2.90
C LEU B 201 -9.86 -3.33 -2.55
N ARG B 202 -9.38 -3.98 -3.61
CA ARG B 202 -8.57 -5.18 -3.48
C ARG B 202 -7.44 -4.75 -2.52
N PRO B 203 -7.02 -5.63 -1.59
CA PRO B 203 -5.95 -5.32 -0.62
C PRO B 203 -4.89 -4.32 -1.04
N ASP B 204 -4.19 -4.59 -2.14
CA ASP B 204 -3.13 -3.69 -2.59
C ASP B 204 -3.65 -2.29 -2.92
N ARG B 205 -4.84 -2.20 -3.49
CA ARG B 205 -5.41 -0.92 -3.85
C ARG B 205 -5.92 -0.16 -2.65
N ARG B 206 -6.40 -0.90 -1.66
CA ARG B 206 -6.90 -0.27 -0.45
C ARG B 206 -5.70 0.31 0.31
N LEU B 207 -4.61 -0.44 0.33
CA LEU B 207 -3.40 -0.02 1.02
C LEU B 207 -2.83 1.23 0.35
N GLN B 208 -2.95 1.32 -0.98
CA GLN B 208 -2.46 2.50 -1.68
C GLN B 208 -3.19 3.75 -1.22
N LEU B 209 -4.50 3.63 -0.96
CA LEU B 209 -5.26 4.77 -0.49
C LEU B 209 -4.75 5.17 0.87
N VAL B 210 -4.60 4.18 1.75
CA VAL B 210 -4.15 4.43 3.11
C VAL B 210 -2.77 5.09 3.16
N HIS B 211 -1.81 4.58 2.40
CA HIS B 211 -0.48 5.15 2.44
C HIS B 211 -0.44 6.53 1.84
N GLU B 212 -1.13 6.71 0.72
CA GLU B 212 -1.16 7.99 0.05
C GLU B 212 -1.77 9.06 0.96
N GLY B 213 -2.81 8.68 1.68
CA GLY B 213 -3.43 9.63 2.59
C GLY B 213 -2.45 10.05 3.68
N ASN B 214 -1.67 9.10 4.19
CA ASN B 214 -0.70 9.41 5.23
C ASN B 214 0.41 10.31 4.71
N ILE B 215 0.88 10.02 3.50
CA ILE B 215 1.96 10.79 2.85
C ILE B 215 1.56 12.23 2.58
N LEU B 216 0.40 12.42 1.96
CA LEU B 216 -0.08 13.75 1.64
C LEU B 216 -0.52 14.57 2.86
N LYS B 217 -1.29 13.95 3.75
CA LYS B 217 -1.75 14.66 4.93
C LYS B 217 -0.60 15.08 5.85
N SER B 218 0.40 14.22 6.00
CA SER B 218 1.52 14.59 6.86
C SER B 218 2.31 15.73 6.21
N LEU B 219 2.38 15.71 4.88
CA LEU B 219 3.09 16.76 4.15
C LEU B 219 2.42 18.10 4.43
N PHE B 220 1.09 18.08 4.40
N PHE B 220 1.09 18.11 4.39
CA PHE B 220 0.30 19.29 4.64
CA PHE B 220 0.35 19.34 4.65
C PHE B 220 0.44 19.72 6.10
C PHE B 220 0.42 19.74 6.12
N ALA B 221 0.50 18.75 7.00
CA ALA B 221 0.63 19.03 8.43
C ALA B 221 2.00 19.73 8.65
N HIS B 222 3.00 19.31 7.88
CA HIS B 222 4.32 19.91 7.99
C HIS B 222 4.20 21.37 7.53
N LEU B 223 3.49 21.60 6.43
CA LEU B 223 3.31 22.96 5.94
C LEU B 223 2.56 23.82 6.95
N LYS B 224 1.60 23.26 7.68
CA LYS B 224 0.86 24.03 8.68
C LYS B 224 1.79 24.55 9.78
N MET B 225 2.80 23.77 10.15
N MET B 225 2.79 23.76 10.13
CA MET B 225 3.75 24.19 11.18
CA MET B 225 3.76 24.17 11.14
C MET B 225 4.72 25.23 10.64
C MET B 225 4.58 25.32 10.56
N ARG B 226 5.15 25.07 9.39
CA ARG B 226 6.02 26.05 8.75
C ARG B 226 5.37 27.44 8.63
N TYR B 227 4.12 27.46 8.17
CA TYR B 227 3.39 28.71 7.99
C TYR B 227 2.60 29.14 9.22
N TRP B 228 2.59 28.29 10.23
CA TRP B 228 1.86 28.58 11.46
C TRP B 228 0.41 28.96 11.17
N ASN B 229 -0.30 28.06 10.49
CA ASN B 229 -1.70 28.27 10.15
C ASN B 229 -2.42 27.04 10.66
N PRO B 230 -2.97 27.10 11.88
CA PRO B 230 -3.67 25.92 12.40
C PRO B 230 -4.99 25.61 11.73
N LYS B 231 -5.58 26.61 11.08
N LYS B 231 -5.57 26.62 11.08
CA LYS B 231 -6.87 26.44 10.44
CA LYS B 231 -6.85 26.48 10.42
C LYS B 231 -6.84 25.97 8.99
C LYS B 231 -6.85 25.90 9.02
N ALA B 232 -5.66 25.74 8.43
CA ALA B 232 -5.57 25.22 7.07
C ALA B 232 -6.02 23.76 7.17
N GLU B 233 -6.78 23.31 6.19
CA GLU B 233 -7.28 21.94 6.17
C GLU B 233 -7.07 21.23 4.84
N PHE B 234 -6.68 19.97 4.91
CA PHE B 234 -6.52 19.17 3.70
C PHE B 234 -7.10 17.80 3.97
N LYS B 235 -8.09 17.41 3.17
CA LYS B 235 -8.73 16.11 3.31
C LYS B 235 -8.35 15.21 2.14
N TYR B 236 -8.22 13.93 2.40
CA TYR B 236 -7.89 12.98 1.36
C TYR B 236 -8.98 11.92 1.30
N TYR B 237 -9.45 11.63 0.09
CA TYR B 237 -10.51 10.66 -0.11
C TYR B 237 -10.18 9.52 -1.08
N GLY B 238 -10.95 8.46 -0.97
CA GLY B 238 -10.80 7.33 -1.86
C GLY B 238 -12.12 7.14 -2.58
N ALA B 239 -12.07 6.68 -3.82
CA ALA B 239 -13.27 6.41 -4.62
C ALA B 239 -13.03 5.09 -5.34
N SER B 240 -13.89 4.10 -5.07
CA SER B 240 -13.77 2.78 -5.68
C SER B 240 -14.77 2.65 -6.82
N SER B 241 -14.44 1.86 -7.83
CA SER B 241 -15.37 1.65 -8.95
C SER B 241 -16.32 0.49 -8.64
N GLU B 242 -16.13 -0.13 -7.48
CA GLU B 242 -16.97 -1.24 -7.02
C GLU B 242 -17.64 -0.83 -5.72
N PRO B 243 -18.77 -1.48 -5.36
CA PRO B 243 -19.45 -1.12 -4.12
C PRO B 243 -18.46 -1.27 -2.98
N VAL B 244 -18.65 -0.53 -1.89
CA VAL B 244 -17.73 -0.62 -0.75
C VAL B 244 -18.30 -1.46 0.40
N SER B 245 -17.59 -2.51 0.75
CA SER B 245 -18.00 -3.39 1.84
C SER B 245 -17.69 -2.76 3.19
N LYS B 246 -18.40 -3.22 4.23
CA LYS B 246 -18.19 -2.70 5.58
C LYS B 246 -16.78 -3.06 6.03
N ALA B 247 -16.28 -4.22 5.59
CA ALA B 247 -14.94 -4.65 5.95
C ALA B 247 -13.93 -3.62 5.45
N ASP B 248 -14.06 -3.20 4.20
CA ASP B 248 -13.15 -2.22 3.65
C ASP B 248 -13.39 -0.85 4.28
N ASP B 249 -14.64 -0.51 4.50
CA ASP B 249 -14.93 0.77 5.11
C ASP B 249 -14.30 0.82 6.50
N ASP B 250 -14.42 -0.29 7.25
CA ASP B 250 -13.84 -0.37 8.59
C ASP B 250 -12.34 -0.12 8.51
N ALA B 251 -11.68 -0.84 7.60
CA ALA B 251 -10.25 -0.72 7.41
C ALA B 251 -9.82 0.67 6.99
N LEU B 252 -10.67 1.37 6.26
CA LEU B 252 -10.34 2.72 5.79
C LEU B 252 -10.64 3.76 6.87
N GLN B 253 -10.68 3.31 8.13
CA GLN B 253 -10.92 4.19 9.29
C GLN B 253 -9.60 4.35 10.05
N THR B 254 -8.57 3.67 9.57
CA THR B 254 -7.24 3.71 10.16
C THR B 254 -6.78 5.17 10.35
N ALA B 255 -6.26 5.47 11.53
CA ALA B 255 -5.79 6.80 11.88
C ALA B 255 -4.50 7.23 11.17
N ALA B 256 -4.45 8.49 10.73
CA ALA B 256 -3.25 9.00 10.08
C ALA B 256 -2.17 8.85 11.15
N THR B 257 -1.11 8.11 10.86
CA THR B 257 -0.06 7.88 11.85
C THR B 257 0.60 9.11 12.46
N HIS B 258 0.68 10.20 11.71
CA HIS B 258 1.31 11.39 12.27
C HIS B 258 0.43 12.08 13.31
N THR B 259 -0.83 11.68 13.40
CA THR B 259 -1.73 12.31 14.35
C THR B 259 -1.83 11.63 15.71
N ILE B 260 -1.10 10.53 15.93
CA ILE B 260 -1.19 9.85 17.22
C ILE B 260 0.00 10.06 18.15
N VAL B 261 0.89 10.99 17.81
CA VAL B 261 2.05 11.22 18.65
C VAL B 261 1.99 12.54 19.42
N ASN B 262 1.00 13.38 19.13
CA ASN B 262 0.84 14.66 19.82
C ASN B 262 -0.62 14.80 20.27
N VAL B 263 -0.84 14.88 21.57
CA VAL B 263 -2.19 14.97 22.11
C VAL B 263 -2.96 16.20 21.63
N ASN B 264 -2.27 17.23 21.15
CA ASN B 264 -2.94 18.43 20.69
C ASN B 264 -3.47 18.35 19.26
N SER B 265 -3.09 17.33 18.49
CA SER B 265 -3.60 17.24 17.14
C SER B 265 -4.92 16.46 17.08
N THR B 266 -5.86 16.96 16.29
CA THR B 266 -7.17 16.33 16.19
C THR B 266 -7.04 14.95 15.54
N PRO B 267 -7.74 13.95 16.11
CA PRO B 267 -7.62 12.62 15.51
C PRO B 267 -8.19 12.63 14.10
N GLU B 268 -7.50 11.98 13.17
CA GLU B 268 -8.02 11.91 11.82
C GLU B 268 -7.57 10.68 11.07
N ARG B 269 -8.43 10.24 10.16
CA ARG B 269 -8.14 9.07 9.36
C ARG B 269 -7.15 9.46 8.28
N ALA B 270 -6.44 8.46 7.77
CA ALA B 270 -5.50 8.70 6.69
C ALA B 270 -6.37 9.02 5.49
N VAL B 271 -7.54 8.38 5.41
CA VAL B 271 -8.47 8.58 4.30
C VAL B 271 -9.76 9.05 4.95
N ASP B 272 -10.11 10.30 4.74
CA ASP B 272 -11.29 10.88 5.34
C ASP B 272 -12.61 10.19 5.00
N ASP B 273 -12.73 9.64 3.79
CA ASP B 273 -13.94 8.94 3.44
C ASP B 273 -13.70 8.18 2.15
N ILE B 274 -14.54 7.19 1.92
CA ILE B 274 -14.43 6.35 0.74
C ILE B 274 -15.75 6.41 -0.01
N PHE B 275 -15.65 6.55 -1.32
CA PHE B 275 -16.82 6.65 -2.18
C PHE B 275 -16.91 5.47 -3.13
N SER B 276 -18.13 5.22 -3.62
CA SER B 276 -18.37 4.15 -4.57
C SER B 276 -18.93 4.83 -5.81
N LEU B 277 -18.22 4.70 -6.93
CA LEU B 277 -18.67 5.34 -8.15
C LEU B 277 -19.25 4.32 -9.14
N THR B 278 -20.57 4.30 -9.27
CA THR B 278 -21.21 3.38 -10.19
C THR B 278 -21.74 4.15 -11.38
N SER B 279 -22.41 5.25 -11.08
CA SER B 279 -23.00 6.10 -12.11
C SER B 279 -22.26 7.41 -12.11
N PHE B 280 -22.48 8.19 -13.15
CA PHE B 280 -21.85 9.50 -13.23
C PHE B 280 -22.41 10.41 -12.16
N GLU B 281 -23.62 10.12 -11.72
CA GLU B 281 -24.21 10.93 -10.68
C GLU B 281 -23.44 10.72 -9.39
N ASP B 282 -22.87 9.52 -9.22
CA ASP B 282 -22.10 9.22 -8.01
C ASP B 282 -20.85 10.09 -7.91
N ILE B 283 -20.40 10.62 -9.05
CA ILE B 283 -19.24 11.48 -9.10
C ILE B 283 -19.63 12.83 -8.51
N ASP B 284 -20.80 13.33 -8.93
CA ASP B 284 -21.33 14.61 -8.44
C ASP B 284 -21.58 14.53 -6.94
N LYS B 285 -22.15 13.42 -6.49
CA LYS B 285 -22.46 13.22 -5.08
C LYS B 285 -21.17 13.23 -4.25
N MET B 286 -20.13 12.58 -4.75
CA MET B 286 -18.85 12.54 -4.07
C MET B 286 -18.30 13.95 -3.93
N LEU B 287 -18.30 14.69 -5.03
CA LEU B 287 -17.77 16.05 -5.02
C LEU B 287 -18.60 16.93 -4.12
N ASP B 288 -19.89 16.67 -4.05
CA ASP B 288 -20.74 17.47 -3.18
C ASP B 288 -20.30 17.30 -1.74
N GLN B 289 -20.01 16.07 -1.34
CA GLN B 289 -19.60 15.82 0.03
C GLN B 289 -18.22 16.37 0.31
N ILE B 290 -17.40 16.43 -0.71
CA ILE B 290 -16.04 16.92 -0.58
C ILE B 290 -15.98 18.44 -0.50
N ILE B 291 -16.66 19.13 -1.40
CA ILE B 291 -16.63 20.59 -1.40
C ILE B 291 -17.30 21.24 -0.19
N LYS B 292 -18.42 20.68 0.25
CA LYS B 292 -19.11 21.23 1.41
C LYS B 292 -20.44 20.53 1.57
N LYS B 293 -20.88 20.38 2.82
CA LYS B 293 -22.15 19.72 3.11
C LYS B 293 -22.12 18.28 2.56
C ACT C . 1.60 -27.36 12.50
O ACT C . 2.49 -28.24 12.24
OXT ACT C . 1.63 -26.18 12.10
CH3 ACT C . 0.42 -27.81 13.38
CL CL D . 0.41 -28.08 6.42
CL CL E . 4.08 6.53 32.87
C ACT F . -19.44 7.16 3.32
O ACT F . -19.47 8.03 2.39
OXT ACT F . -19.45 7.46 4.53
CH3 ACT F . -19.39 5.68 2.91
CL CL G . 8.10 20.95 -4.10
CL CL H . -6.17 8.45 -29.42
CL CL I . 5.88 31.58 7.04
#